data_7G9L
#
_entry.id   7G9L
#
_cell.length_a   53.789
_cell.length_b   69.402
_cell.length_c   57.242
_cell.angle_alpha   90.000
_cell.angle_beta   92.170
_cell.angle_gamma   90.000
#
_symmetry.space_group_name_H-M   'P 1 21 1'
#
loop_
_entity.id
_entity.type
_entity.pdbx_description
1 polymer 'Serine protease NS3'
2 non-polymer 1,2-ETHANEDIOL
3 non-polymer 'PHOSPHATE ION'
4 non-polymer (4S)-2-METHYL-2,4-PENTANEDIOL
5 non-polymer "(2S)-2-[([1,1'-biphenyl]-4-yl)oxy]propanoic acid"
6 non-polymer 'DIMETHYL SULFOXIDE'
7 water water
#
_entity_poly.entity_id   1
_entity_poly.type   'polypeptide(L)'
_entity_poly.pdbx_seq_one_letter_code
;MLKKKQLTVLDLHPGAGKTRRVLPEIVREAIKKRLRTVILAPTRVVAAEMEEALRGLPVRYMTTAVNVTHSGTEIVDLMC
HATFTSRLLQPIRVPNYNLNIMDEAHFTDPSSIAARGYISTRVEMGEAAAIFMTATPPGTRDAFPDSNSPIMDTEVEVPE
RAWSSGFDWVTDHSGKTVWFVPSVRNGNEIAACLTKAGKRVIQLSRKTFETEFQKTKNQEWDFVITTDISEMGANFKADR
VIDSRRCLKPVILDGERVILAGPMPVTHASAAQRRGRIGRNPNKPGDEYMYGGGCAETDEGHAHWLEARMLLDNIYLQDG
LIASLYRPEADKVAAIEGEFKLRTEQRKTFVELMKRGDLPVWLAYQVASAGITYTDRRWCFDGTTNNTIMEDSVPAEVWT
KYGEKRVLKPRWMDARVCSDHAALKSFKEFAAGKR
;
_entity_poly.pdbx_strand_id   A
#
# COMPACT_ATOMS: atom_id res chain seq x y z
N MET A 1 9.09 -6.60 26.07
CA MET A 1 8.71 -6.50 24.66
C MET A 1 9.91 -6.66 23.72
N LEU A 2 11.08 -6.17 24.15
CA LEU A 2 12.30 -6.14 23.34
C LEU A 2 13.16 -7.41 23.41
N LYS A 3 12.81 -8.36 24.31
CA LYS A 3 13.55 -9.63 24.47
C LYS A 3 13.48 -10.43 23.18
N LYS A 4 14.59 -11.09 22.79
CA LYS A 4 14.67 -11.90 21.57
C LYS A 4 13.51 -12.92 21.45
N LYS A 5 13.38 -13.58 20.29
CA LYS A 5 12.34 -14.57 19.99
C LYS A 5 10.92 -14.10 20.35
N GLN A 6 10.66 -12.78 20.42
CA GLN A 6 9.31 -12.30 20.70
C GLN A 6 8.77 -11.36 19.63
N LEU A 7 7.55 -11.66 19.14
CA LEU A 7 6.81 -10.81 18.22
C LEU A 7 5.59 -10.31 18.98
N THR A 8 5.51 -9.00 19.20
CA THR A 8 4.39 -8.40 19.91
C THR A 8 3.49 -7.64 18.93
N VAL A 9 2.17 -7.78 19.05
CA VAL A 9 1.24 -7.02 18.24
C VAL A 9 0.68 -5.90 19.12
N LEU A 10 1.06 -4.65 18.85
CA LEU A 10 0.60 -3.50 19.63
C LEU A 10 -0.68 -3.03 18.95
N ASP A 11 -1.83 -3.49 19.47
CA ASP A 11 -3.12 -3.27 18.86
C ASP A 11 -4.02 -2.30 19.61
N LEU A 12 -3.47 -1.22 20.17
CA LEU A 12 -4.29 -0.17 20.77
C LEU A 12 -5.20 0.45 19.64
N HIS A 13 -6.41 0.91 19.98
CA HIS A 13 -7.35 1.44 18.98
C HIS A 13 -6.79 2.62 18.15
N PRO A 14 -7.40 2.95 16.97
CA PRO A 14 -6.90 4.08 16.17
C PRO A 14 -6.92 5.38 16.98
N GLY A 15 -5.84 6.14 16.94
CA GLY A 15 -5.72 7.39 17.69
C GLY A 15 -5.29 7.24 19.14
N ALA A 16 -4.97 6.03 19.58
CA ALA A 16 -4.54 5.80 20.97
C ALA A 16 -3.16 6.33 21.32
N GLY A 17 -2.37 6.70 20.31
CA GLY A 17 -1.04 7.23 20.57
C GLY A 17 0.10 6.26 20.31
N LYS A 18 -0.14 5.22 19.49
CA LYS A 18 0.93 4.24 19.20
C LYS A 18 2.20 4.93 18.62
N THR A 19 2.02 5.83 17.66
CA THR A 19 3.15 6.50 17.01
C THR A 19 3.75 7.67 17.84
N ARG A 20 2.89 8.55 18.38
CA ARG A 20 3.40 9.72 19.09
C ARG A 20 3.82 9.49 20.52
N ARG A 21 3.22 8.51 21.21
CA ARG A 21 3.52 8.28 22.61
C ARG A 21 4.31 6.99 22.89
N VAL A 22 3.86 5.86 22.34
CA VAL A 22 4.48 4.56 22.61
C VAL A 22 5.80 4.42 21.85
N LEU A 23 5.78 4.71 20.55
CA LEU A 23 6.99 4.54 19.71
C LEU A 23 8.26 5.24 20.28
N PRO A 24 8.24 6.52 20.74
CA PRO A 24 9.47 7.12 21.29
C PRO A 24 10.00 6.38 22.54
N GLU A 25 9.10 5.90 23.41
CA GLU A 25 9.48 5.13 24.60
C GLU A 25 10.17 3.81 24.20
N ILE A 26 9.62 3.11 23.16
CA ILE A 26 10.25 1.86 22.69
C ILE A 26 11.67 2.16 22.16
N VAL A 27 11.79 3.23 21.37
CA VAL A 27 13.07 3.63 20.78
C VAL A 27 14.11 3.98 21.85
N ARG A 28 13.72 4.75 22.87
CA ARG A 28 14.64 5.07 23.97
C ARG A 28 15.12 3.79 24.67
N GLU A 29 14.20 2.84 24.94
CA GLU A 29 14.59 1.59 25.59
C GLU A 29 15.52 0.77 24.67
N ALA A 30 15.27 0.78 23.36
CA ALA A 30 16.10 0.02 22.41
C ALA A 30 17.52 0.58 22.37
N ILE A 31 17.65 1.93 22.36
CA ILE A 31 18.97 2.56 22.36
C ILE A 31 19.70 2.25 23.72
N LYS A 32 18.99 2.30 24.86
CA LYS A 32 19.55 1.96 26.19
C LYS A 32 20.13 0.53 26.19
N LYS A 33 19.47 -0.41 25.52
CA LYS A 33 19.93 -1.81 25.47
C LYS A 33 20.86 -2.15 24.33
N ARG A 34 21.28 -1.15 23.53
CA ARG A 34 22.15 -1.33 22.38
C ARG A 34 21.59 -2.35 21.39
N LEU A 35 20.32 -2.22 21.06
CA LEU A 35 19.71 -3.10 20.05
C LEU A 35 19.74 -2.34 18.73
N ARG A 36 20.32 -2.93 17.68
CA ARG A 36 20.32 -2.36 16.34
C ARG A 36 18.85 -2.46 15.88
N THR A 37 18.19 -1.31 15.63
CA THR A 37 16.75 -1.33 15.39
C THR A 37 16.34 -0.75 14.06
N VAL A 38 15.30 -1.33 13.44
CA VAL A 38 14.74 -0.72 12.23
C VAL A 38 13.30 -0.32 12.55
N ILE A 39 12.86 0.88 12.06
CA ILE A 39 11.50 1.37 12.16
C ILE A 39 11.01 1.50 10.70
N LEU A 40 9.89 0.84 10.37
CA LEU A 40 9.33 0.79 9.01
C LEU A 40 8.04 1.60 8.91
N ALA A 41 8.08 2.67 8.07
CA ALA A 41 6.93 3.57 7.85
C ALA A 41 6.22 3.14 6.55
N PRO A 42 4.89 3.16 6.47
CA PRO A 42 4.22 2.74 5.21
C PRO A 42 4.48 3.68 4.01
N THR A 43 4.57 4.99 4.28
CA THR A 43 4.73 6.04 3.27
C THR A 43 5.72 7.14 3.73
N ARG A 44 6.14 8.01 2.78
CA ARG A 44 7.03 9.12 3.12
CA ARG A 44 7.02 9.14 3.08
C ARG A 44 6.31 10.12 4.02
N VAL A 45 4.96 10.25 3.88
CA VAL A 45 4.19 11.16 4.74
C VAL A 45 4.29 10.69 6.20
N VAL A 46 4.16 9.36 6.43
CA VAL A 46 4.27 8.84 7.79
C VAL A 46 5.72 8.94 8.29
N ALA A 47 6.71 8.74 7.40
CA ALA A 47 8.12 8.90 7.77
C ALA A 47 8.39 10.30 8.31
N ALA A 48 7.81 11.33 7.65
CA ALA A 48 7.95 12.74 8.11
C ALA A 48 7.27 12.98 9.44
N GLU A 49 6.10 12.39 9.67
CA GLU A 49 5.40 12.51 10.97
C GLU A 49 6.17 11.82 12.09
N MET A 50 6.84 10.72 11.77
CA MET A 50 7.67 9.99 12.74
C MET A 50 8.85 10.79 13.17
N GLU A 51 9.48 11.54 12.23
CA GLU A 51 10.60 12.40 12.60
C GLU A 51 10.15 13.44 13.65
N GLU A 52 8.92 13.95 13.54
CA GLU A 52 8.41 14.92 14.50
C GLU A 52 8.17 14.27 15.89
N ALA A 53 7.67 13.04 15.92
CA ALA A 53 7.45 12.32 17.19
C ALA A 53 8.74 11.86 17.84
N LEU A 54 9.79 11.63 17.04
CA LEU A 54 11.09 11.16 17.52
C LEU A 54 12.15 12.27 17.55
N ARG A 55 11.76 13.54 17.39
CA ARG A 55 12.72 14.65 17.32
C ARG A 55 13.70 14.69 18.49
N GLY A 56 15.00 14.74 18.19
CA GLY A 56 16.03 14.74 19.23
C GLY A 56 16.64 13.39 19.49
N LEU A 57 15.91 12.29 19.19
CA LEU A 57 16.44 10.94 19.36
C LEU A 57 17.41 10.63 18.23
N PRO A 58 18.47 9.87 18.49
CA PRO A 58 19.42 9.55 17.43
C PRO A 58 18.93 8.47 16.47
N VAL A 59 18.24 8.89 15.40
CA VAL A 59 17.65 7.98 14.39
C VAL A 59 18.19 8.36 13.01
N ARG A 60 18.66 7.35 12.22
CA ARG A 60 19.16 7.56 10.86
C ARG A 60 17.97 7.41 9.90
N TYR A 61 17.59 8.49 9.24
CA TYR A 61 16.45 8.54 8.32
C TYR A 61 16.88 8.14 6.91
N MET A 62 16.57 6.91 6.52
CA MET A 62 16.94 6.39 5.21
C MET A 62 15.82 6.68 4.20
N THR A 63 15.52 7.99 4.03
CA THR A 63 14.47 8.50 3.16
C THR A 63 14.77 9.98 2.82
N THR A 64 14.49 10.43 1.57
CA THR A 64 14.63 11.87 1.26
C THR A 64 13.40 12.66 1.75
N ALA A 65 12.42 12.02 2.42
CA ALA A 65 11.24 12.71 2.94
C ALA A 65 11.56 13.62 4.13
N VAL A 66 12.73 13.42 4.76
CA VAL A 66 13.19 14.15 5.92
C VAL A 66 14.56 14.80 5.57
N ASN A 67 14.77 16.06 5.98
CA ASN A 67 16.05 16.73 5.74
C ASN A 67 16.77 16.87 7.08
N VAL A 68 17.58 15.87 7.47
CA VAL A 68 18.25 15.91 8.78
C VAL A 68 19.78 15.87 8.72
N THR A 69 20.36 15.10 7.76
CA THR A 69 21.81 14.87 7.52
C THR A 69 22.29 13.58 8.25
N HIS A 70 22.43 13.58 9.61
CA HIS A 70 22.83 12.44 10.48
C HIS A 70 24.31 12.43 10.91
N SER A 71 24.52 12.30 12.24
CA SER A 71 25.81 12.28 12.93
C SER A 71 26.69 11.06 12.65
N GLY A 72 26.10 9.97 12.21
CA GLY A 72 26.83 8.73 11.98
C GLY A 72 26.89 7.82 13.21
N THR A 73 26.36 8.29 14.36
CA THR A 73 26.34 7.55 15.62
C THR A 73 24.94 7.00 15.98
N GLU A 74 24.11 6.75 14.96
CA GLU A 74 22.78 6.22 15.19
C GLU A 74 22.82 4.70 15.05
N ILE A 75 22.14 3.98 15.96
CA ILE A 75 21.98 2.54 15.82
C ILE A 75 20.48 2.19 15.50
N VAL A 76 19.65 3.21 15.27
CA VAL A 76 18.25 3.03 14.91
C VAL A 76 18.10 3.58 13.49
N ASP A 77 17.58 2.79 12.55
CA ASP A 77 17.34 3.23 11.17
C ASP A 77 15.84 3.35 10.94
N LEU A 78 15.41 4.31 10.13
CA LEU A 78 14.00 4.45 9.79
C LEU A 78 13.89 4.50 8.25
N MET A 79 13.07 3.62 7.67
CA MET A 79 12.89 3.62 6.22
C MET A 79 11.45 3.19 5.91
N CYS A 80 11.03 3.30 4.64
CA CYS A 80 9.68 2.83 4.28
C CYS A 80 9.59 1.31 4.18
N HIS A 81 8.37 0.72 4.28
CA HIS A 81 8.24 -0.75 4.13
C HIS A 81 8.86 -1.23 2.79
N ALA A 82 8.55 -0.51 1.68
CA ALA A 82 9.05 -0.87 0.33
C ALA A 82 10.55 -0.82 0.22
N THR A 83 11.17 0.17 0.87
CA THR A 83 12.64 0.33 0.88
C THR A 83 13.33 -0.88 1.56
N PHE A 84 12.76 -1.35 2.68
CA PHE A 84 13.30 -2.52 3.39
C PHE A 84 13.28 -3.75 2.47
N THR A 85 12.11 -4.02 1.87
CA THR A 85 12.00 -5.19 0.99
C THR A 85 12.87 -5.05 -0.25
N SER A 86 12.99 -3.83 -0.78
CA SER A 86 13.84 -3.56 -1.94
C SER A 86 15.30 -3.86 -1.61
N ARG A 87 15.78 -3.35 -0.48
CA ARG A 87 17.19 -3.56 -0.11
C ARG A 87 17.48 -5.01 0.19
N LEU A 88 16.48 -5.77 0.72
CA LEU A 88 16.70 -7.21 0.95
C LEU A 88 16.90 -7.91 -0.39
N LEU A 89 16.09 -7.56 -1.40
CA LEU A 89 16.18 -8.17 -2.75
C LEU A 89 17.46 -7.84 -3.53
N GLN A 90 17.95 -6.60 -3.41
CA GLN A 90 19.15 -6.12 -4.10
C GLN A 90 20.46 -6.65 -3.49
N PRO A 91 21.60 -6.60 -4.24
CA PRO A 91 22.88 -7.06 -3.65
C PRO A 91 23.52 -5.95 -2.80
N ILE A 92 22.84 -5.58 -1.74
CA ILE A 92 23.27 -4.64 -0.70
C ILE A 92 22.99 -5.39 0.62
N ARG A 93 23.94 -5.38 1.54
CA ARG A 93 23.78 -6.08 2.81
C ARG A 93 22.89 -5.25 3.73
N VAL A 94 21.82 -5.84 4.19
CA VAL A 94 20.90 -5.19 5.14
C VAL A 94 21.33 -5.74 6.50
N PRO A 95 21.51 -4.90 7.54
CA PRO A 95 21.91 -5.44 8.85
C PRO A 95 20.87 -6.44 9.39
N ASN A 96 21.31 -7.39 10.21
CA ASN A 96 20.38 -8.36 10.80
C ASN A 96 19.87 -7.68 12.11
N TYR A 97 18.90 -6.73 11.96
CA TYR A 97 18.35 -5.93 13.07
C TYR A 97 17.89 -6.77 14.26
N ASN A 98 18.32 -6.38 15.50
CA ASN A 98 17.89 -7.11 16.70
C ASN A 98 16.39 -6.84 17.02
N LEU A 99 15.94 -5.60 16.73
CA LEU A 99 14.55 -5.22 16.96
C LEU A 99 13.98 -4.63 15.64
N ASN A 100 12.83 -5.15 15.19
CA ASN A 100 12.16 -4.76 13.94
C ASN A 100 10.78 -4.18 14.29
N ILE A 101 10.59 -2.89 14.10
CA ILE A 101 9.31 -2.24 14.40
C ILE A 101 8.61 -1.88 13.12
N MET A 102 7.37 -2.38 12.91
CA MET A 102 6.62 -2.00 11.71
C MET A 102 5.43 -1.13 12.12
N ASP A 103 5.40 0.16 11.71
CA ASP A 103 4.20 0.97 11.99
C ASP A 103 3.20 0.74 10.83
N GLU A 104 1.90 0.90 11.12
CA GLU A 104 0.78 0.68 10.19
C GLU A 104 0.92 -0.71 9.57
N ALA A 105 1.16 -1.70 10.45
CA ALA A 105 1.47 -3.06 10.05
C ALA A 105 0.32 -3.81 9.36
N HIS A 106 -0.84 -3.16 9.16
CA HIS A 106 -1.95 -3.77 8.43
C HIS A 106 -1.80 -3.59 6.89
N PHE A 107 -0.80 -2.82 6.40
CA PHE A 107 -0.65 -2.50 4.98
C PHE A 107 -0.54 -3.77 4.17
N THR A 108 -1.45 -3.92 3.16
CA THR A 108 -1.50 -5.14 2.36
C THR A 108 -0.83 -5.04 0.97
N ASP A 109 0.04 -4.02 0.72
CA ASP A 109 0.81 -4.04 -0.53
C ASP A 109 1.86 -5.17 -0.45
N PRO A 110 2.19 -5.79 -1.61
CA PRO A 110 3.09 -6.95 -1.60
C PRO A 110 4.38 -6.78 -0.81
N SER A 111 5.03 -5.59 -0.92
CA SER A 111 6.30 -5.39 -0.20
C SER A 111 6.10 -5.34 1.33
N SER A 112 4.92 -4.91 1.81
CA SER A 112 4.64 -4.87 3.25
C SER A 112 4.36 -6.32 3.75
N ILE A 113 3.58 -7.11 2.98
CA ILE A 113 3.34 -8.53 3.37
C ILE A 113 4.69 -9.29 3.41
N ALA A 114 5.55 -9.08 2.36
CA ALA A 114 6.86 -9.73 2.32
C ALA A 114 7.71 -9.31 3.53
N ALA A 115 7.75 -7.98 3.86
CA ALA A 115 8.50 -7.54 5.04
C ALA A 115 8.02 -8.28 6.34
N ARG A 116 6.68 -8.36 6.56
CA ARG A 116 6.17 -9.09 7.74
C ARG A 116 6.62 -10.56 7.75
N GLY A 117 6.67 -11.17 6.58
CA GLY A 117 7.01 -12.58 6.43
C GLY A 117 8.47 -12.83 6.79
N TYR A 118 9.33 -11.96 6.26
CA TYR A 118 10.76 -12.04 6.55
C TYR A 118 11.03 -11.80 8.04
N ILE A 119 10.48 -10.72 8.60
CA ILE A 119 10.69 -10.38 10.00
C ILE A 119 10.15 -11.49 10.94
N SER A 120 8.90 -11.95 10.71
CA SER A 120 8.31 -12.97 11.59
C SER A 120 9.08 -14.31 11.49
N THR A 121 9.70 -14.60 10.32
CA THR A 121 10.51 -15.81 10.18
C THR A 121 11.81 -15.66 11.02
N ARG A 122 12.47 -14.48 10.99
CA ARG A 122 13.64 -14.25 11.84
C ARG A 122 13.29 -14.41 13.34
N VAL A 123 12.12 -13.91 13.77
CA VAL A 123 11.70 -14.04 15.17
C VAL A 123 11.46 -15.53 15.50
N GLU A 124 10.80 -16.27 14.59
CA GLU A 124 10.53 -17.71 14.78
C GLU A 124 11.85 -18.49 14.89
N MET A 125 12.87 -18.11 14.13
CA MET A 125 14.20 -18.72 14.21
C MET A 125 14.95 -18.41 15.52
N GLY A 126 14.45 -17.46 16.31
CA GLY A 126 15.08 -17.06 17.57
C GLY A 126 16.17 -16.03 17.39
N GLU A 127 16.19 -15.33 16.24
CA GLU A 127 17.26 -14.40 15.89
C GLU A 127 16.99 -12.94 16.19
N ALA A 128 15.74 -12.58 16.45
CA ALA A 128 15.37 -11.18 16.58
C ALA A 128 14.03 -11.02 17.31
N ALA A 129 13.71 -9.79 17.71
CA ALA A 129 12.42 -9.41 18.28
C ALA A 129 11.70 -8.52 17.23
N ALA A 130 10.38 -8.39 17.34
CA ALA A 130 9.60 -7.56 16.43
C ALA A 130 8.39 -7.00 17.12
N ILE A 131 7.97 -5.81 16.69
CA ILE A 131 6.77 -5.19 17.19
C ILE A 131 5.96 -4.73 15.96
N PHE A 132 4.73 -5.23 15.80
CA PHE A 132 3.85 -4.84 14.68
C PHE A 132 2.80 -3.91 15.27
N MET A 133 2.79 -2.61 14.87
CA MET A 133 1.86 -1.65 15.43
C MET A 133 0.68 -1.43 14.48
N THR A 134 -0.52 -1.90 14.90
CA THR A 134 -1.77 -1.67 14.18
C THR A 134 -3.01 -1.96 15.06
N ALA A 135 -4.07 -1.15 14.89
CA ALA A 135 -5.32 -1.45 15.55
C ALA A 135 -6.03 -2.65 14.90
N THR A 136 -5.68 -2.98 13.64
CA THR A 136 -6.37 -4.01 12.88
C THR A 136 -5.43 -5.09 12.33
N PRO A 137 -4.95 -6.01 13.19
CA PRO A 137 -4.07 -7.08 12.71
C PRO A 137 -4.79 -8.02 11.75
N PRO A 138 -4.06 -8.87 11.00
CA PRO A 138 -4.71 -9.78 10.05
C PRO A 138 -5.79 -10.67 10.65
N GLY A 139 -6.93 -10.77 9.99
CA GLY A 139 -8.03 -11.59 10.47
C GLY A 139 -8.98 -10.90 11.44
N THR A 140 -8.78 -9.61 11.72
CA THR A 140 -9.69 -8.88 12.61
C THR A 140 -11.10 -8.88 12.04
N ARG A 141 -12.07 -9.11 12.92
CA ARG A 141 -13.49 -9.21 12.54
C ARG A 141 -14.32 -8.01 13.00
N ASP A 142 -13.71 -7.00 13.62
CA ASP A 142 -14.46 -5.87 14.16
C ASP A 142 -14.21 -4.63 13.31
N ALA A 143 -15.23 -4.20 12.58
CA ALA A 143 -15.14 -3.00 11.75
C ALA A 143 -15.39 -1.70 12.55
N PHE A 144 -15.85 -1.81 13.81
CA PHE A 144 -16.20 -0.64 14.61
C PHE A 144 -15.41 -0.60 15.94
N PRO A 145 -14.06 -0.47 15.89
CA PRO A 145 -13.30 -0.44 17.16
C PRO A 145 -13.52 0.84 17.97
N ASP A 146 -12.91 0.90 19.17
CA ASP A 146 -13.02 2.08 20.02
C ASP A 146 -12.35 3.29 19.32
N SER A 147 -12.69 4.50 19.78
CA SER A 147 -12.12 5.72 19.24
C SER A 147 -11.98 6.73 20.39
N ASN A 148 -11.24 7.84 20.15
CA ASN A 148 -11.02 8.87 21.16
C ASN A 148 -12.29 9.60 21.55
N SER A 149 -13.24 9.71 20.62
CA SER A 149 -14.53 10.31 20.93
C SER A 149 -15.64 9.56 20.17
N PRO A 150 -16.89 9.59 20.69
CA PRO A 150 -17.96 8.81 20.04
C PRO A 150 -18.21 9.21 18.60
N ILE A 151 -18.49 8.20 17.77
CA ILE A 151 -18.76 8.38 16.34
C ILE A 151 -20.21 8.02 16.05
N MET A 152 -20.86 8.75 15.16
CA MET A 152 -22.23 8.41 14.72
C MET A 152 -22.09 7.50 13.50
N ASP A 153 -22.36 6.20 13.66
CA ASP A 153 -22.27 5.22 12.56
C ASP A 153 -23.63 5.09 11.85
N THR A 154 -23.68 5.32 10.51
CA THR A 154 -24.95 5.21 9.79
C THR A 154 -24.79 4.44 8.50
N GLU A 155 -25.58 3.37 8.32
CA GLU A 155 -25.59 2.59 7.09
C GLU A 155 -26.47 3.36 6.12
N VAL A 156 -25.96 3.72 4.94
CA VAL A 156 -26.73 4.52 3.97
C VAL A 156 -26.24 4.21 2.55
N GLU A 157 -27.11 4.39 1.51
CA GLU A 157 -26.68 4.17 0.13
C GLU A 157 -25.72 5.33 -0.20
N VAL A 158 -24.53 5.00 -0.68
CA VAL A 158 -23.51 6.00 -1.03
C VAL A 158 -23.35 6.01 -2.54
N PRO A 159 -23.36 7.20 -3.17
CA PRO A 159 -23.15 7.25 -4.64
C PRO A 159 -21.77 6.75 -5.05
N GLU A 160 -21.72 6.02 -6.17
CA GLU A 160 -20.48 5.57 -6.82
C GLU A 160 -20.35 6.13 -8.26
N ARG A 161 -21.27 7.02 -8.65
CA ARG A 161 -21.33 7.69 -9.94
C ARG A 161 -21.78 9.12 -9.65
N ALA A 162 -21.72 10.00 -10.68
CA ALA A 162 -22.30 11.34 -10.58
C ALA A 162 -23.81 11.20 -10.33
N TRP A 163 -24.41 12.14 -9.62
CA TRP A 163 -25.82 12.08 -9.30
C TRP A 163 -26.46 13.45 -9.51
N SER A 164 -27.76 13.47 -9.85
CA SER A 164 -28.51 14.72 -9.99
C SER A 164 -29.45 14.94 -8.78
N SER A 165 -29.83 13.85 -8.08
CA SER A 165 -30.78 13.92 -6.98
C SER A 165 -30.72 12.64 -6.09
N GLY A 166 -31.32 12.71 -4.91
CA GLY A 166 -31.44 11.54 -4.03
C GLY A 166 -30.37 11.41 -2.97
N PHE A 167 -29.38 12.32 -2.93
CA PHE A 167 -28.29 12.23 -1.95
C PHE A 167 -27.99 13.62 -1.36
N ASP A 168 -29.06 14.37 -1.01
CA ASP A 168 -28.88 15.72 -0.47
C ASP A 168 -27.94 15.79 0.74
N TRP A 169 -27.96 14.76 1.61
CA TRP A 169 -27.11 14.71 2.81
C TRP A 169 -25.60 14.83 2.49
N VAL A 170 -25.21 14.40 1.29
CA VAL A 170 -23.79 14.49 0.90
C VAL A 170 -23.34 15.95 0.79
N THR A 171 -24.13 16.79 0.10
CA THR A 171 -23.71 18.18 -0.13
C THR A 171 -24.25 19.17 0.89
N ASP A 172 -25.30 18.80 1.64
CA ASP A 172 -25.85 19.72 2.65
C ASP A 172 -24.93 19.95 3.88
N HIS A 173 -23.93 19.14 4.06
CA HIS A 173 -22.97 19.15 5.17
C HIS A 173 -22.01 20.35 5.14
N SER A 174 -21.75 20.99 6.29
CA SER A 174 -20.86 22.16 6.31
C SER A 174 -19.42 21.88 6.75
N GLY A 175 -19.10 20.67 7.19
CA GLY A 175 -17.75 20.35 7.64
C GLY A 175 -16.86 19.82 6.54
N LYS A 176 -15.79 19.12 6.90
CA LYS A 176 -14.87 18.54 5.92
C LYS A 176 -15.11 17.03 5.91
N THR A 177 -15.12 16.43 4.69
CA THR A 177 -15.40 14.99 4.53
C THR A 177 -14.27 14.29 3.82
N VAL A 178 -13.92 13.07 4.30
CA VAL A 178 -12.98 12.19 3.64
C VAL A 178 -13.78 11.05 3.05
N TRP A 179 -13.72 10.86 1.72
CA TRP A 179 -14.57 9.88 1.03
C TRP A 179 -13.71 8.82 0.37
N PHE A 180 -13.87 7.57 0.80
CA PHE A 180 -13.14 6.42 0.26
C PHE A 180 -13.91 5.79 -0.90
N VAL A 181 -13.25 5.75 -2.06
CA VAL A 181 -13.76 5.19 -3.31
C VAL A 181 -12.97 3.95 -3.71
N PRO A 182 -13.55 3.08 -4.56
CA PRO A 182 -12.83 1.83 -4.91
C PRO A 182 -11.73 1.97 -5.95
N SER A 183 -11.70 3.09 -6.71
CA SER A 183 -10.67 3.23 -7.74
C SER A 183 -10.44 4.71 -8.08
N VAL A 184 -9.31 4.98 -8.73
CA VAL A 184 -9.00 6.34 -9.19
C VAL A 184 -10.07 6.83 -10.18
N ARG A 185 -10.46 5.97 -11.14
CA ARG A 185 -11.49 6.34 -12.13
C ARG A 185 -12.83 6.66 -11.46
N ASN A 186 -13.24 5.87 -10.45
CA ASN A 186 -14.49 6.17 -9.75
CA ASN A 186 -14.46 6.14 -9.71
C ASN A 186 -14.37 7.50 -9.01
N GLY A 187 -13.23 7.76 -8.37
CA GLY A 187 -13.03 9.03 -7.67
C GLY A 187 -13.07 10.24 -8.60
N ASN A 188 -12.57 10.08 -9.83
CA ASN A 188 -12.56 11.16 -10.84
C ASN A 188 -14.02 11.60 -11.12
N GLU A 189 -14.92 10.62 -11.30
CA GLU A 189 -16.33 10.95 -11.58
C GLU A 189 -17.02 11.64 -10.40
N ILE A 190 -16.80 11.12 -9.18
CA ILE A 190 -17.40 11.75 -7.99
C ILE A 190 -16.84 13.16 -7.79
N ALA A 191 -15.52 13.30 -7.95
CA ALA A 191 -14.86 14.63 -7.79
C ALA A 191 -15.43 15.65 -8.76
N ALA A 192 -15.62 15.27 -10.04
CA ALA A 192 -16.18 16.17 -11.04
C ALA A 192 -17.62 16.61 -10.67
N CYS A 193 -18.42 15.67 -10.14
CA CYS A 193 -19.78 15.94 -9.72
C CYS A 193 -19.79 16.95 -8.57
N LEU A 194 -18.90 16.75 -7.57
CA LEU A 194 -18.82 17.63 -6.40
C LEU A 194 -18.26 19.00 -6.82
N THR A 195 -17.30 19.03 -7.73
CA THR A 195 -16.74 20.31 -8.21
C THR A 195 -17.83 21.11 -8.97
N LYS A 196 -18.64 20.45 -9.79
CA LYS A 196 -19.74 21.13 -10.49
C LYS A 196 -20.75 21.70 -9.49
N ALA A 197 -20.91 21.07 -8.30
CA ALA A 197 -21.80 21.54 -7.25
C ALA A 197 -21.18 22.65 -6.37
N GLY A 198 -20.00 23.15 -6.72
CA GLY A 198 -19.35 24.22 -5.97
C GLY A 198 -18.40 23.79 -4.86
N LYS A 199 -18.13 22.47 -4.74
CA LYS A 199 -17.20 22.02 -3.67
C LYS A 199 -15.75 22.07 -4.10
N ARG A 200 -14.83 22.22 -3.13
CA ARG A 200 -13.38 22.17 -3.34
C ARG A 200 -12.90 20.77 -2.98
N VAL A 201 -12.37 20.06 -3.98
CA VAL A 201 -12.02 18.67 -3.85
C VAL A 201 -10.54 18.42 -4.06
N ILE A 202 -9.93 17.56 -3.21
CA ILE A 202 -8.55 17.10 -3.41
C ILE A 202 -8.67 15.59 -3.64
N GLN A 203 -7.94 15.05 -4.62
CA GLN A 203 -7.97 13.61 -4.88
C GLN A 203 -6.63 12.98 -4.51
N LEU A 204 -6.66 11.84 -3.82
CA LEU A 204 -5.46 11.11 -3.41
C LEU A 204 -5.48 9.69 -3.93
N SER A 205 -4.30 9.21 -4.33
CA SER A 205 -4.09 7.84 -4.79
C SER A 205 -2.60 7.49 -4.54
N ARG A 206 -2.19 6.22 -4.75
CA ARG A 206 -0.79 5.84 -4.52
C ARG A 206 0.23 6.69 -5.27
N LYS A 207 0.03 6.93 -6.57
CA LYS A 207 1.00 7.67 -7.37
C LYS A 207 1.08 9.15 -7.03
N THR A 208 0.00 9.76 -6.57
CA THR A 208 0.01 11.20 -6.27
C THR A 208 0.08 11.54 -4.79
N PHE A 209 0.01 10.53 -3.91
CA PHE A 209 -0.12 10.68 -2.46
C PHE A 209 0.71 11.81 -1.81
N GLU A 210 2.04 11.79 -1.86
CA GLU A 210 2.83 12.83 -1.16
C GLU A 210 2.51 14.26 -1.58
N THR A 211 2.50 14.51 -2.89
CA THR A 211 2.23 15.85 -3.41
C THR A 211 0.84 16.34 -3.06
N GLU A 212 -0.18 15.51 -3.34
CA GLU A 212 -1.56 15.92 -3.09
C GLU A 212 -1.91 15.96 -1.62
N PHE A 213 -1.30 15.07 -0.79
CA PHE A 213 -1.59 15.10 0.66
C PHE A 213 -1.15 16.45 1.26
N GLN A 214 -0.07 17.06 0.73
CA GLN A 214 0.37 18.38 1.22
C GLN A 214 -0.72 19.43 1.07
N LYS A 215 -1.54 19.33 -0.01
CA LYS A 215 -2.65 20.26 -0.28
C LYS A 215 -3.69 20.23 0.81
N THR A 216 -3.84 19.08 1.51
CA THR A 216 -4.81 18.99 2.60
C THR A 216 -4.42 19.86 3.79
N LYS A 217 -3.13 20.24 3.91
CA LYS A 217 -2.63 21.11 4.99
C LYS A 217 -2.46 22.57 4.50
N ASN A 218 -2.13 22.76 3.21
CA ASN A 218 -1.84 24.09 2.61
C ASN A 218 -3.04 24.89 2.10
N GLN A 219 -4.18 24.22 1.84
CA GLN A 219 -5.33 24.95 1.30
C GLN A 219 -6.66 24.51 1.92
N GLU A 220 -7.70 25.34 1.75
CA GLU A 220 -9.02 25.01 2.25
C GLU A 220 -9.67 24.03 1.30
N TRP A 221 -10.37 23.07 1.87
CA TRP A 221 -11.02 22.02 1.08
C TRP A 221 -12.28 21.60 1.77
N ASP A 222 -13.21 21.06 0.98
CA ASP A 222 -14.49 20.57 1.46
C ASP A 222 -14.47 19.04 1.44
N PHE A 223 -13.88 18.42 0.39
CA PHE A 223 -13.84 16.97 0.31
C PHE A 223 -12.46 16.46 -0.07
N VAL A 224 -12.06 15.33 0.49
CA VAL A 224 -10.87 14.60 0.07
C VAL A 224 -11.46 13.29 -0.52
N ILE A 225 -11.20 12.99 -1.80
CA ILE A 225 -11.64 11.76 -2.44
C ILE A 225 -10.39 10.89 -2.53
N THR A 226 -10.40 9.70 -1.90
CA THR A 226 -9.20 8.89 -1.83
C THR A 226 -9.45 7.42 -2.03
N THR A 227 -8.43 6.73 -2.56
CA THR A 227 -8.48 5.28 -2.63
C THR A 227 -8.04 4.75 -1.21
N ASP A 228 -7.90 3.43 -1.07
CA ASP A 228 -7.54 2.75 0.17
C ASP A 228 -6.15 3.15 0.73
N ILE A 229 -5.32 3.93 -0.04
CA ILE A 229 -3.98 4.32 0.49
C ILE A 229 -4.10 5.17 1.77
N SER A 230 -5.22 5.93 1.90
CA SER A 230 -5.40 6.74 3.11
C SER A 230 -5.73 5.91 4.37
N GLU A 231 -5.85 4.57 4.25
CA GLU A 231 -6.01 3.70 5.44
C GLU A 231 -4.66 3.60 6.19
N MET A 232 -3.53 4.02 5.56
CA MET A 232 -2.20 3.80 6.14
C MET A 232 -1.66 4.97 6.97
N GLY A 233 -2.44 5.43 7.93
CA GLY A 233 -2.00 6.43 8.88
C GLY A 233 -2.10 7.87 8.45
N ALA A 234 -2.75 8.13 7.31
CA ALA A 234 -2.95 9.50 6.80
C ALA A 234 -3.98 10.14 7.71
N ASN A 235 -3.70 11.34 8.25
CA ASN A 235 -4.66 12.01 9.12
C ASN A 235 -5.14 13.34 8.55
N PHE A 236 -6.40 13.65 8.85
CA PHE A 236 -7.10 14.79 8.30
C PHE A 236 -7.86 15.52 9.40
N LYS A 237 -8.09 16.82 9.23
CA LYS A 237 -8.88 17.57 10.19
C LYS A 237 -10.25 17.54 9.58
N ALA A 238 -11.00 16.46 9.80
CA ALA A 238 -12.31 16.29 9.19
C ALA A 238 -13.35 15.86 10.22
N ASP A 239 -14.64 16.07 9.94
CA ASP A 239 -15.70 15.61 10.86
C ASP A 239 -16.61 14.53 10.24
N ARG A 240 -16.29 14.05 9.03
CA ARG A 240 -17.09 13.01 8.44
C ARG A 240 -16.27 12.15 7.52
N VAL A 241 -16.54 10.86 7.54
CA VAL A 241 -15.99 9.93 6.57
C VAL A 241 -17.19 9.36 5.79
N ILE A 242 -17.12 9.33 4.46
CA ILE A 242 -18.11 8.67 3.61
C ILE A 242 -17.35 7.47 3.09
N ASP A 243 -17.89 6.27 3.31
CA ASP A 243 -17.19 5.07 2.91
C ASP A 243 -18.02 4.23 1.97
N SER A 244 -17.59 4.10 0.70
CA SER A 244 -18.29 3.22 -0.24
C SER A 244 -18.28 1.75 0.26
N ARG A 245 -17.31 1.39 1.13
CA ARG A 245 -17.08 0.04 1.63
C ARG A 245 -16.69 -0.88 0.49
N ARG A 246 -16.06 -0.33 -0.59
CA ARG A 246 -15.68 -1.15 -1.73
C ARG A 246 -14.24 -0.98 -2.14
N CYS A 247 -13.69 -1.97 -2.81
CA CYS A 247 -12.31 -1.91 -3.26
C CYS A 247 -12.20 -2.77 -4.52
N LEU A 248 -11.07 -2.69 -5.23
CA LEU A 248 -10.80 -3.58 -6.37
C LEU A 248 -9.89 -4.69 -5.85
N LYS A 249 -9.99 -5.88 -6.44
CA LYS A 249 -9.20 -7.01 -6.01
C LYS A 249 -8.43 -7.54 -7.21
N PRO A 250 -7.07 -7.49 -7.21
CA PRO A 250 -6.34 -8.10 -8.32
C PRO A 250 -6.47 -9.62 -8.16
N VAL A 251 -6.78 -10.33 -9.27
CA VAL A 251 -7.00 -11.77 -9.28
C VAL A 251 -6.26 -12.38 -10.47
N ILE A 252 -5.42 -13.38 -10.21
CA ILE A 252 -4.71 -14.07 -11.27
C ILE A 252 -5.63 -15.17 -11.83
N LEU A 253 -5.95 -15.12 -13.15
CA LEU A 253 -6.83 -16.11 -13.79
C LEU A 253 -6.00 -17.14 -14.53
N ASP A 254 -6.21 -18.43 -14.23
CA ASP A 254 -5.49 -19.54 -14.86
C ASP A 254 -3.96 -19.38 -14.90
N GLY A 255 -3.41 -18.67 -13.92
CA GLY A 255 -1.98 -18.41 -13.84
C GLY A 255 -1.41 -17.63 -15.01
N GLU A 256 -2.27 -17.02 -15.87
CA GLU A 256 -1.76 -16.36 -17.10
C GLU A 256 -2.16 -14.89 -17.35
N ARG A 257 -3.05 -14.33 -16.54
CA ARG A 257 -3.46 -12.93 -16.68
C ARG A 257 -3.93 -12.42 -15.34
N VAL A 258 -3.90 -11.11 -15.15
CA VAL A 258 -4.38 -10.52 -13.90
C VAL A 258 -5.49 -9.54 -14.26
N ILE A 259 -6.66 -9.72 -13.63
CA ILE A 259 -7.77 -8.79 -13.81
C ILE A 259 -7.98 -8.01 -12.50
N LEU A 260 -8.68 -6.86 -12.57
CA LEU A 260 -9.04 -6.12 -11.37
C LEU A 260 -10.53 -6.38 -11.14
N ALA A 261 -10.84 -7.38 -10.30
CA ALA A 261 -12.22 -7.80 -10.05
C ALA A 261 -12.91 -6.82 -9.14
N GLY A 262 -14.20 -6.73 -9.31
CA GLY A 262 -15.02 -5.90 -8.45
C GLY A 262 -15.57 -4.67 -9.15
N PRO A 263 -15.82 -3.57 -8.41
CA PRO A 263 -15.61 -3.38 -6.96
C PRO A 263 -16.36 -4.39 -6.10
N MET A 264 -15.75 -4.76 -4.98
CA MET A 264 -16.32 -5.73 -4.06
C MET A 264 -16.09 -5.27 -2.60
N PRO A 265 -16.72 -5.93 -1.61
CA PRO A 265 -16.59 -5.46 -0.22
C PRO A 265 -15.15 -5.38 0.29
N VAL A 266 -14.89 -4.39 1.16
CA VAL A 266 -13.57 -4.30 1.79
C VAL A 266 -13.53 -5.30 2.98
N THR A 267 -12.31 -5.56 3.53
CA THR A 267 -12.18 -6.38 4.74
C THR A 267 -12.65 -5.58 5.96
N HIS A 268 -12.88 -6.27 7.11
CA HIS A 268 -13.22 -5.55 8.35
C HIS A 268 -12.07 -4.62 8.75
N ALA A 269 -10.80 -5.05 8.54
CA ALA A 269 -9.64 -4.23 8.90
C ALA A 269 -9.65 -2.93 8.08
N SER A 270 -9.93 -3.01 6.75
CA SER A 270 -9.98 -1.79 5.94
C SER A 270 -11.10 -0.89 6.39
N ALA A 271 -12.28 -1.46 6.68
CA ALA A 271 -13.42 -0.63 7.11
C ALA A 271 -13.10 0.08 8.42
N ALA A 272 -12.47 -0.63 9.37
CA ALA A 272 -12.13 0.00 10.66
C ALA A 272 -11.11 1.12 10.47
N GLN A 273 -10.15 0.94 9.54
CA GLN A 273 -9.15 1.98 9.25
C GLN A 273 -9.75 3.19 8.52
N ARG A 274 -10.74 2.97 7.63
CA ARG A 274 -11.40 4.08 6.94
C ARG A 274 -12.20 4.88 7.96
N ARG A 275 -13.00 4.18 8.78
CA ARG A 275 -13.72 4.85 9.86
C ARG A 275 -12.78 5.57 10.85
N GLY A 276 -11.65 4.93 11.16
CA GLY A 276 -10.65 5.41 12.11
C GLY A 276 -10.04 6.76 11.77
N ARG A 277 -10.34 7.32 10.53
CA ARG A 277 -9.83 8.66 10.19
C ARG A 277 -10.53 9.73 11.04
N ILE A 278 -11.76 9.43 11.56
CA ILE A 278 -12.50 10.41 12.38
C ILE A 278 -12.77 9.86 13.80
N GLY A 279 -13.29 10.69 14.70
CA GLY A 279 -13.47 10.31 16.09
C GLY A 279 -12.13 10.38 16.85
N ARG A 280 -11.10 11.03 16.27
CA ARG A 280 -9.76 11.09 16.82
C ARG A 280 -9.53 12.18 17.85
N ASN A 281 -10.43 13.16 17.95
CA ASN A 281 -10.24 14.26 18.90
C ASN A 281 -11.20 14.05 20.07
N PRO A 282 -10.67 13.81 21.29
CA PRO A 282 -11.56 13.58 22.45
C PRO A 282 -12.49 14.75 22.79
N ASN A 283 -12.15 15.96 22.32
CA ASN A 283 -12.95 17.16 22.55
C ASN A 283 -14.00 17.43 21.49
N LYS A 284 -14.06 16.63 20.40
CA LYS A 284 -15.05 16.86 19.35
C LYS A 284 -15.83 15.58 19.09
N PRO A 285 -16.78 15.25 19.97
CA PRO A 285 -17.61 14.07 19.75
C PRO A 285 -18.60 14.33 18.60
N GLY A 286 -19.14 13.25 18.05
CA GLY A 286 -20.14 13.39 16.99
C GLY A 286 -19.65 13.43 15.57
N ASP A 287 -18.38 13.02 15.33
CA ASP A 287 -17.91 12.86 13.93
C ASP A 287 -18.76 11.73 13.30
N GLU A 288 -19.04 11.82 11.99
CA GLU A 288 -19.95 10.91 11.34
C GLU A 288 -19.22 9.90 10.48
N TYR A 289 -19.73 8.66 10.45
CA TYR A 289 -19.20 7.63 9.57
C TYR A 289 -20.38 7.06 8.78
N MET A 290 -20.48 7.40 7.48
CA MET A 290 -21.59 6.94 6.64
C MET A 290 -21.05 5.83 5.80
N TYR A 291 -21.62 4.61 5.88
CA TYR A 291 -21.07 3.49 5.13
C TYR A 291 -22.09 2.83 4.20
N GLY A 292 -21.64 2.44 2.98
CA GLY A 292 -22.54 1.99 1.93
C GLY A 292 -22.55 0.54 1.52
N GLY A 293 -22.14 -0.34 2.43
CA GLY A 293 -22.14 -1.77 2.16
C GLY A 293 -21.55 -2.56 3.32
N GLY A 294 -21.58 -3.88 3.24
CA GLY A 294 -21.00 -4.71 4.29
C GLY A 294 -19.54 -5.03 4.03
N CYS A 295 -18.92 -5.82 4.96
CA CYS A 295 -17.52 -6.29 4.86
C CYS A 295 -17.51 -7.74 4.47
N ALA A 296 -16.39 -8.17 3.89
CA ALA A 296 -16.18 -9.56 3.52
C ALA A 296 -14.67 -9.83 3.50
N GLU A 297 -14.27 -11.12 3.58
CA GLU A 297 -12.84 -11.36 3.63
CA GLU A 297 -12.88 -11.56 3.58
C GLU A 297 -12.32 -11.55 2.15
N THR A 298 -12.22 -10.38 1.52
CA THR A 298 -11.79 -10.28 0.12
C THR A 298 -10.27 -10.29 -0.06
N ASP A 299 -9.47 -10.47 1.03
CA ASP A 299 -8.02 -10.68 0.87
C ASP A 299 -7.72 -12.14 0.51
N GLU A 300 -8.70 -13.06 0.71
CA GLU A 300 -8.46 -14.47 0.37
C GLU A 300 -8.39 -14.59 -1.15
N GLY A 301 -7.27 -15.11 -1.68
CA GLY A 301 -7.10 -15.27 -3.12
C GLY A 301 -6.73 -13.98 -3.87
N HIS A 302 -6.41 -12.93 -3.12
CA HIS A 302 -6.05 -11.63 -3.66
C HIS A 302 -4.57 -11.73 -4.13
N ALA A 303 -4.26 -11.25 -5.35
CA ALA A 303 -2.92 -11.38 -5.94
C ALA A 303 -1.79 -10.91 -5.04
N HIS A 304 -2.02 -9.89 -4.17
CA HIS A 304 -0.90 -9.37 -3.38
C HIS A 304 -0.19 -10.41 -2.54
N TRP A 305 -0.93 -11.43 -2.02
CA TRP A 305 -0.29 -12.46 -1.19
C TRP A 305 0.56 -13.44 -2.04
N LEU A 306 0.12 -13.68 -3.30
CA LEU A 306 0.91 -14.53 -4.19
C LEU A 306 2.19 -13.70 -4.61
N GLU A 307 2.01 -12.40 -4.90
CA GLU A 307 3.15 -11.52 -5.23
C GLU A 307 4.16 -11.43 -4.03
N ALA A 308 3.66 -11.40 -2.79
CA ALA A 308 4.54 -11.43 -1.60
C ALA A 308 5.39 -12.71 -1.58
N ARG A 309 4.80 -13.85 -1.97
CA ARG A 309 5.54 -15.12 -2.06
C ARG A 309 6.60 -15.03 -3.15
N MET A 310 6.28 -14.40 -4.31
CA MET A 310 7.31 -14.22 -5.35
C MET A 310 8.53 -13.42 -4.79
N LEU A 311 8.27 -12.36 -3.96
CA LEU A 311 9.37 -11.55 -3.44
C LEU A 311 10.19 -12.41 -2.41
N LEU A 312 9.48 -13.09 -1.46
CA LEU A 312 10.15 -13.86 -0.41
C LEU A 312 10.97 -15.02 -0.95
N ASP A 313 10.49 -15.65 -2.03
CA ASP A 313 11.26 -16.75 -2.66
C ASP A 313 12.58 -16.26 -3.23
N ASN A 314 12.71 -14.94 -3.48
CA ASN A 314 13.92 -14.38 -4.05
C ASN A 314 14.73 -13.52 -3.07
N ILE A 315 14.51 -13.71 -1.75
CA ILE A 315 15.30 -13.01 -0.74
C ILE A 315 16.15 -14.03 0.02
N TYR A 316 17.46 -13.80 0.11
CA TYR A 316 18.32 -14.73 0.86
C TYR A 316 18.00 -14.67 2.36
N LEU A 317 17.89 -15.83 3.00
CA LEU A 317 17.63 -15.89 4.43
C LEU A 317 18.79 -16.66 5.13
N GLN A 318 19.01 -17.91 4.72
CA GLN A 318 20.07 -18.77 5.25
C GLN A 318 20.13 -19.97 4.32
N ASP A 319 21.28 -20.21 3.63
CA ASP A 319 21.45 -21.32 2.68
C ASP A 319 20.24 -21.39 1.68
N GLY A 320 19.51 -22.51 1.63
CA GLY A 320 18.37 -22.64 0.74
C GLY A 320 17.03 -22.37 1.41
N LEU A 321 17.03 -21.94 2.70
CA LEU A 321 15.81 -21.64 3.44
C LEU A 321 15.13 -20.41 2.89
N ILE A 322 13.80 -20.40 2.98
CA ILE A 322 13.01 -19.32 2.45
C ILE A 322 12.00 -18.88 3.50
N ALA A 323 11.84 -17.56 3.68
CA ALA A 323 10.91 -17.07 4.69
C ALA A 323 9.44 -17.37 4.37
N SER A 324 8.68 -17.70 5.41
CA SER A 324 7.26 -17.99 5.29
C SER A 324 6.49 -16.69 5.47
N LEU A 325 5.23 -16.65 5.00
CA LEU A 325 4.39 -15.49 5.30
C LEU A 325 4.11 -15.49 6.81
N TYR A 326 3.81 -14.32 7.38
CA TYR A 326 3.41 -14.16 8.77
C TYR A 326 2.14 -15.03 8.99
N ARG A 327 2.22 -15.91 10.00
CA ARG A 327 1.20 -16.95 10.23
C ARG A 327 -0.27 -16.50 10.06
N PRO A 328 -0.78 -15.42 10.70
CA PRO A 328 -2.20 -15.07 10.51
C PRO A 328 -2.62 -14.69 9.09
N GLU A 329 -1.66 -14.43 8.16
CA GLU A 329 -2.08 -14.14 6.79
C GLU A 329 -1.58 -15.18 5.79
N ALA A 330 -1.04 -16.31 6.27
CA ALA A 330 -0.48 -17.33 5.39
C ALA A 330 -1.53 -18.11 4.59
N ASP A 331 -2.79 -18.21 5.05
CA ASP A 331 -3.80 -18.96 4.29
C ASP A 331 -4.46 -18.14 3.18
N LYS A 332 -4.06 -16.86 3.00
CA LYS A 332 -4.64 -16.03 1.96
C LYS A 332 -4.21 -16.42 0.56
N VAL A 333 -3.17 -17.26 0.45
CA VAL A 333 -2.68 -17.71 -0.84
C VAL A 333 -2.45 -19.23 -0.80
N ALA A 334 -2.63 -19.89 -1.94
CA ALA A 334 -2.35 -21.32 -2.06
C ALA A 334 -1.01 -21.41 -2.79
N ALA A 335 0.11 -21.40 -2.05
CA ALA A 335 1.42 -21.42 -2.68
C ALA A 335 2.44 -22.21 -1.91
N ILE A 336 3.33 -22.84 -2.66
CA ILE A 336 4.43 -23.65 -2.16
C ILE A 336 5.65 -22.76 -2.01
N GLU A 337 6.25 -22.72 -0.81
CA GLU A 337 7.45 -21.94 -0.57
C GLU A 337 8.59 -22.43 -1.49
N GLY A 338 9.18 -21.48 -2.22
CA GLY A 338 10.24 -21.80 -3.16
C GLY A 338 9.83 -22.01 -4.61
N GLU A 339 8.50 -22.03 -4.93
CA GLU A 339 8.11 -22.27 -6.33
C GLU A 339 8.50 -21.12 -7.28
N PHE A 340 8.74 -19.90 -6.71
CA PHE A 340 9.07 -18.75 -7.56
C PHE A 340 10.57 -18.36 -7.47
N LYS A 341 11.42 -19.26 -6.92
CA LYS A 341 12.83 -18.98 -6.76
C LYS A 341 13.51 -18.94 -8.12
N LEU A 342 14.14 -17.81 -8.46
CA LEU A 342 14.80 -17.65 -9.75
C LEU A 342 16.33 -17.80 -9.66
N ARG A 343 16.96 -18.22 -10.75
CA ARG A 343 18.42 -18.26 -10.85
C ARG A 343 18.97 -16.81 -10.88
N THR A 344 20.25 -16.63 -10.57
CA THR A 344 20.86 -15.32 -10.40
C THR A 344 20.52 -14.28 -11.52
N GLU A 345 20.75 -14.58 -12.79
CA GLU A 345 20.49 -13.62 -13.88
C GLU A 345 19.00 -13.28 -14.05
N GLN A 346 18.12 -14.29 -13.90
CA GLN A 346 16.68 -14.02 -13.99
C GLN A 346 16.23 -13.21 -12.76
N ARG A 347 16.81 -13.49 -11.58
CA ARG A 347 16.44 -12.72 -10.36
C ARG A 347 16.81 -11.26 -10.53
N LYS A 348 17.99 -10.97 -11.09
CA LYS A 348 18.41 -9.58 -11.30
C LYS A 348 17.43 -8.87 -12.30
N THR A 349 16.98 -9.58 -13.35
CA THR A 349 15.99 -8.99 -14.29
C THR A 349 14.67 -8.70 -13.54
N PHE A 350 14.20 -9.66 -12.72
CA PHE A 350 12.95 -9.51 -11.93
C PHE A 350 13.03 -8.26 -11.06
N VAL A 351 14.13 -8.11 -10.32
CA VAL A 351 14.32 -6.93 -9.48
C VAL A 351 14.35 -5.63 -10.33
N GLU A 352 15.08 -5.63 -11.44
CA GLU A 352 15.15 -4.39 -12.25
C GLU A 352 13.78 -4.00 -12.90
N LEU A 353 13.00 -5.02 -13.33
CA LEU A 353 11.66 -4.76 -13.92
C LEU A 353 10.75 -4.09 -12.86
N MET A 354 10.97 -4.39 -11.55
CA MET A 354 10.18 -3.74 -10.51
C MET A 354 10.72 -2.39 -10.16
N LYS A 355 12.02 -2.31 -9.84
CA LYS A 355 12.71 -1.09 -9.36
C LYS A 355 12.78 0.04 -10.42
N ARG A 356 13.23 -0.29 -11.61
CA ARG A 356 13.35 0.69 -12.70
C ARG A 356 12.11 0.63 -13.63
N GLY A 357 11.65 -0.58 -13.96
CA GLY A 357 10.52 -0.74 -14.86
C GLY A 357 9.17 -0.29 -14.27
N ASP A 358 9.08 -0.31 -12.93
CA ASP A 358 7.84 0.02 -12.21
C ASP A 358 6.69 -0.91 -12.59
N LEU A 359 6.99 -2.16 -12.97
CA LEU A 359 5.94 -3.12 -13.30
C LEU A 359 5.43 -3.79 -12.02
N PRO A 360 4.14 -4.24 -12.05
CA PRO A 360 3.62 -5.02 -10.91
C PRO A 360 4.47 -6.28 -10.69
N VAL A 361 4.56 -6.76 -9.44
CA VAL A 361 5.37 -7.97 -9.14
C VAL A 361 5.04 -9.14 -10.06
N TRP A 362 3.72 -9.46 -10.20
CA TRP A 362 3.35 -10.64 -11.02
C TRP A 362 3.88 -10.56 -12.46
N LEU A 363 3.73 -9.37 -13.07
CA LEU A 363 4.13 -9.16 -14.47
C LEU A 363 5.66 -9.20 -14.57
N ALA A 364 6.37 -8.55 -13.63
CA ALA A 364 7.87 -8.64 -13.62
C ALA A 364 8.34 -10.11 -13.54
N TYR A 365 7.65 -10.93 -12.72
CA TYR A 365 7.99 -12.35 -12.60
C TYR A 365 7.77 -13.09 -13.93
N GLN A 366 6.62 -12.86 -14.61
CA GLN A 366 6.38 -13.57 -15.89
C GLN A 366 7.49 -13.27 -16.90
N VAL A 367 7.90 -11.99 -16.99
CA VAL A 367 8.92 -11.61 -17.97
C VAL A 367 10.27 -12.21 -17.62
N ALA A 368 10.72 -12.06 -16.35
CA ALA A 368 12.04 -12.58 -15.95
C ALA A 368 12.10 -14.10 -16.05
N SER A 369 11.03 -14.81 -15.59
CA SER A 369 11.04 -16.28 -15.62
C SER A 369 11.02 -16.84 -17.03
N ALA A 370 10.57 -16.05 -18.02
CA ALA A 370 10.58 -16.45 -19.43
C ALA A 370 11.98 -16.31 -20.08
N GLY A 371 12.98 -15.82 -19.33
CA GLY A 371 14.33 -15.68 -19.85
C GLY A 371 14.54 -14.42 -20.67
N ILE A 372 13.62 -13.44 -20.57
CA ILE A 372 13.77 -12.16 -21.28
C ILE A 372 14.61 -11.18 -20.47
N THR A 373 15.53 -10.40 -21.12
CA THR A 373 16.36 -9.42 -20.41
C THR A 373 15.59 -8.13 -20.22
N TYR A 374 16.04 -7.30 -19.28
CA TYR A 374 15.33 -6.08 -18.92
C TYR A 374 14.94 -5.18 -20.10
N THR A 375 15.91 -4.89 -20.98
CA THR A 375 15.69 -3.93 -22.09
C THR A 375 14.94 -4.49 -23.31
N ASP A 376 14.67 -5.80 -23.32
CA ASP A 376 13.99 -6.44 -24.44
C ASP A 376 12.47 -6.30 -24.29
N ARG A 377 11.85 -5.44 -25.13
CA ARG A 377 10.41 -5.13 -25.00
C ARG A 377 9.54 -5.76 -26.07
N ARG A 378 10.08 -6.75 -26.84
CA ARG A 378 9.27 -7.39 -27.88
C ARG A 378 8.00 -8.03 -27.32
N TRP A 379 8.05 -8.52 -26.08
CA TRP A 379 6.87 -9.11 -25.43
C TRP A 379 5.70 -8.12 -25.25
N CYS A 380 5.95 -6.78 -25.29
CA CYS A 380 4.82 -5.82 -25.14
C CYS A 380 3.89 -5.77 -26.36
N PHE A 381 4.26 -6.44 -27.47
CA PHE A 381 3.53 -6.35 -28.74
C PHE A 381 3.12 -7.69 -29.36
N ASP A 382 3.55 -8.83 -28.79
CA ASP A 382 3.30 -10.12 -29.44
C ASP A 382 2.29 -11.02 -28.74
N GLY A 383 1.41 -10.44 -27.94
CA GLY A 383 0.36 -11.22 -27.30
C GLY A 383 -0.82 -11.49 -28.24
N THR A 384 -1.84 -12.20 -27.75
CA THR A 384 -3.03 -12.47 -28.56
C THR A 384 -3.91 -11.21 -28.69
N THR A 385 -4.83 -11.22 -29.66
CA THR A 385 -5.75 -10.11 -29.91
C THR A 385 -6.53 -9.71 -28.64
N ASN A 386 -6.91 -10.68 -27.80
CA ASN A 386 -7.67 -10.37 -26.59
C ASN A 386 -6.83 -9.65 -25.52
N ASN A 387 -5.47 -9.58 -25.68
CA ASN A 387 -4.58 -8.83 -24.79
C ASN A 387 -4.33 -7.38 -25.26
N THR A 388 -5.04 -6.92 -26.32
CA THR A 388 -4.91 -5.55 -26.81
C THR A 388 -5.34 -4.58 -25.73
N ILE A 389 -4.49 -3.58 -25.42
CA ILE A 389 -4.84 -2.58 -24.42
C ILE A 389 -5.59 -1.45 -25.11
N MET A 390 -6.72 -1.05 -24.55
CA MET A 390 -7.54 0.01 -25.11
C MET A 390 -7.41 1.35 -24.38
N GLU A 391 -7.37 2.43 -25.16
CA GLU A 391 -7.31 3.80 -24.64
CA GLU A 391 -7.27 3.80 -24.68
C GLU A 391 -8.41 4.61 -25.31
N ASP A 392 -9.39 5.07 -24.53
CA ASP A 392 -10.53 5.84 -25.02
C ASP A 392 -11.26 5.12 -26.19
N SER A 393 -11.58 3.83 -25.97
CA SER A 393 -12.30 2.92 -26.87
C SER A 393 -11.60 2.54 -28.18
N VAL A 394 -10.29 2.80 -28.30
CA VAL A 394 -9.50 2.43 -29.49
C VAL A 394 -8.16 1.80 -29.01
N PRO A 395 -7.55 0.84 -29.73
CA PRO A 395 -6.29 0.24 -29.25
C PRO A 395 -5.19 1.26 -28.99
N ALA A 396 -4.46 1.11 -27.88
CA ALA A 396 -3.37 2.02 -27.57
C ALA A 396 -2.24 1.72 -28.54
N GLU A 397 -1.51 2.75 -28.96
CA GLU A 397 -0.40 2.58 -29.90
C GLU A 397 0.82 3.28 -29.38
N VAL A 398 2.00 2.76 -29.70
CA VAL A 398 3.26 3.41 -29.32
C VAL A 398 4.27 3.26 -30.45
N TRP A 399 5.31 4.12 -30.47
CA TRP A 399 6.39 3.90 -31.40
C TRP A 399 7.40 3.05 -30.63
N THR A 400 7.79 1.93 -31.20
CA THR A 400 8.78 1.08 -30.57
C THR A 400 10.17 1.78 -30.57
N LYS A 401 11.12 1.21 -29.81
CA LYS A 401 12.48 1.72 -29.81
C LYS A 401 13.11 1.57 -31.21
N TYR A 402 12.50 0.76 -32.12
CA TYR A 402 12.98 0.64 -33.51
C TYR A 402 12.38 1.72 -34.48
N GLY A 403 11.45 2.53 -33.98
CA GLY A 403 10.81 3.55 -34.79
C GLY A 403 9.59 3.06 -35.54
N GLU A 404 9.00 1.93 -35.13
CA GLU A 404 7.81 1.36 -35.76
C GLU A 404 6.56 1.63 -34.90
N LYS A 405 5.44 2.09 -35.51
CA LYS A 405 4.21 2.31 -34.74
C LYS A 405 3.52 0.95 -34.57
N ARG A 406 3.24 0.54 -33.33
CA ARG A 406 2.60 -0.75 -33.08
C ARG A 406 1.52 -0.65 -32.02
N VAL A 407 0.55 -1.56 -32.10
CA VAL A 407 -0.52 -1.69 -31.13
C VAL A 407 0.03 -2.38 -29.90
N LEU A 408 -0.28 -1.83 -28.74
CA LEU A 408 0.15 -2.38 -27.46
C LEU A 408 -0.67 -3.64 -27.18
N LYS A 409 0.00 -4.79 -27.15
CA LYS A 409 -0.69 -6.08 -26.99
C LYS A 409 0.27 -7.03 -26.25
N PRO A 410 0.40 -6.83 -24.93
CA PRO A 410 1.41 -7.60 -24.18
C PRO A 410 1.16 -9.10 -24.15
N ARG A 411 2.25 -9.88 -24.13
CA ARG A 411 2.15 -11.35 -24.08
C ARG A 411 1.40 -11.83 -22.80
N TRP A 412 1.61 -11.09 -21.66
CA TRP A 412 0.93 -11.31 -20.39
C TRP A 412 0.20 -10.01 -20.10
N MET A 413 -1.09 -10.09 -19.79
CA MET A 413 -1.89 -8.92 -19.55
C MET A 413 -2.11 -8.75 -18.05
N ASP A 414 -1.69 -7.63 -17.48
CA ASP A 414 -1.92 -7.38 -16.07
C ASP A 414 -2.69 -6.07 -16.04
N ALA A 415 -3.97 -6.13 -15.66
CA ALA A 415 -4.88 -4.97 -15.68
C ALA A 415 -4.34 -3.75 -14.93
N ARG A 416 -3.38 -3.95 -14.01
CA ARG A 416 -2.83 -2.82 -13.26
C ARG A 416 -1.99 -1.88 -14.12
N VAL A 417 -1.51 -2.33 -15.32
CA VAL A 417 -0.72 -1.41 -16.16
C VAL A 417 -1.58 -0.41 -16.93
N CYS A 418 -2.92 -0.56 -16.89
CA CYS A 418 -3.82 0.33 -17.59
C CYS A 418 -5.08 0.64 -16.77
N SER A 419 -4.99 0.59 -15.42
CA SER A 419 -6.13 0.83 -14.53
C SER A 419 -6.66 2.29 -14.52
N ASP A 420 -5.82 3.21 -14.98
CA ASP A 420 -6.13 4.63 -15.08
C ASP A 420 -5.21 5.27 -16.15
N HIS A 421 -5.46 6.52 -16.52
CA HIS A 421 -4.67 7.18 -17.56
C HIS A 421 -3.18 7.23 -17.20
N ALA A 422 -2.84 7.56 -15.93
CA ALA A 422 -1.43 7.68 -15.50
C ALA A 422 -0.70 6.34 -15.63
N ALA A 423 -1.33 5.24 -15.23
CA ALA A 423 -0.68 3.92 -15.31
C ALA A 423 -0.43 3.55 -16.79
N LEU A 424 -1.44 3.75 -17.68
CA LEU A 424 -1.27 3.40 -19.09
C LEU A 424 -0.17 4.28 -19.71
N LYS A 425 -0.09 5.56 -19.33
CA LYS A 425 0.96 6.45 -19.86
C LYS A 425 2.34 5.91 -19.50
N SER A 426 2.52 5.44 -18.24
CA SER A 426 3.81 4.89 -17.78
C SER A 426 4.13 3.58 -18.53
N PHE A 427 3.12 2.73 -18.72
CA PHE A 427 3.34 1.45 -19.43
C PHE A 427 3.66 1.70 -20.93
N LYS A 428 3.05 2.72 -21.55
CA LYS A 428 3.38 3.07 -22.95
C LYS A 428 4.85 3.48 -23.05
N GLU A 429 5.31 4.27 -22.09
CA GLU A 429 6.73 4.70 -22.02
C GLU A 429 7.64 3.48 -21.88
N PHE A 430 7.26 2.51 -21.02
CA PHE A 430 8.03 1.29 -20.85
C PHE A 430 8.07 0.49 -22.15
N ALA A 431 6.91 0.26 -22.79
CA ALA A 431 6.89 -0.52 -24.04
C ALA A 431 7.75 0.13 -25.14
N ALA A 432 7.84 1.46 -25.12
CA ALA A 432 8.63 2.22 -26.11
C ALA A 432 10.16 2.21 -25.83
N GLY A 433 10.58 1.62 -24.71
CA GLY A 433 11.98 1.56 -24.30
C GLY A 433 12.50 2.86 -23.70
N LYS A 434 11.61 3.65 -23.12
CA LYS A 434 11.99 4.95 -22.54
C LYS A 434 12.52 4.90 -21.10
N ARG A 435 12.52 3.71 -20.48
CA ARG A 435 13.14 3.51 -19.16
C ARG A 435 13.54 2.04 -18.97
#